data_9FTW
#
_entry.id   9FTW
#
_cell.length_a   47.723
_cell.length_b   49.742
_cell.length_c   60.946
_cell.angle_alpha   88.62
_cell.angle_beta   87.49
_cell.angle_gamma   70.35
#
_symmetry.space_group_name_H-M   'P 1'
#
loop_
_entity.id
_entity.type
_entity.pdbx_description
1 polymer 'Uridylate-specific endoribonuclease'
2 non-polymer 'ACETATE ION'
3 non-polymer 'CALCIUM ION'
4 non-polymer 1,2-ETHANEDIOL
5 water water
#
_entity_poly.entity_id   1
_entity_poly.type   'polypeptide(L)'
_entity_poly.pdbx_seq_one_letter_code
;MRACISLVLAVLCGLAWAGKIESCASRCNEKFNRDAACQCDRRCLWHGNCCEDYEHLCTEDHKESEPLPQLEEETEEALA
SNLYSAPTSCQGRCYEAFDKHHQCHCNARCQEFGNCCKDFESLCSDHEVSHSSDAITKEEIQSISEKIYRADTNKAQKED
IVLNSQNCISPSETRNQVDRCPKPLFTYVNEKLFSKPTYAAFINLLNNYQRATGHGEHFSAQELAEQDAFLREIMKTAVM
KELYSFLHHQNRYGSEQEFVDDLKNMWFGLYSRGNEEGDSSGFEHVFSGEVKKGKVTGFHNWIRFYLEEKEGLVDYYSHI
YDGPWDSYPDVLAMQFNWDGYYKEVGSAFIGSSPEFEFALYSLCFIARPGKVCQLSLGGYPLAVRTYTWDKSTYGNGKKY
IATAYIVSST
;
_entity_poly.pdbx_strand_id   A,B
#
# COMPACT_ATOMS: atom_id res chain seq x y z
N ASP A 134 -16.71 16.91 -30.77
CA ASP A 134 -16.73 16.27 -32.08
C ASP A 134 -16.33 14.81 -32.00
N ALA A 135 -16.98 13.94 -32.79
CA ALA A 135 -16.63 12.52 -32.74
C ALA A 135 -15.29 12.34 -33.38
N ILE A 136 -14.54 11.47 -32.77
CA ILE A 136 -13.20 11.13 -33.24
C ILE A 136 -13.39 9.83 -33.98
N THR A 137 -13.03 9.80 -35.26
CA THR A 137 -13.21 8.60 -36.07
C THR A 137 -12.01 7.65 -35.96
N LYS A 138 -12.19 6.39 -36.41
CA LYS A 138 -11.10 5.40 -36.46
C LYS A 138 -9.94 5.94 -37.33
N GLU A 139 -10.29 6.57 -38.49
CA GLU A 139 -9.33 7.16 -39.41
C GLU A 139 -8.56 8.35 -38.76
N GLU A 140 -9.27 9.21 -38.01
CA GLU A 140 -8.64 10.32 -37.31
C GLU A 140 -7.65 9.79 -36.25
N ILE A 141 -7.99 8.71 -35.55
CA ILE A 141 -7.09 8.12 -34.55
C ILE A 141 -5.79 7.63 -35.22
N GLN A 142 -5.94 6.98 -36.38
CA GLN A 142 -4.75 6.43 -37.07
C GLN A 142 -3.86 7.56 -37.65
N SER A 143 -4.43 8.73 -37.96
CA SER A 143 -3.64 9.85 -38.47
C SER A 143 -2.87 10.46 -37.29
N ILE A 144 -3.56 10.77 -36.18
CA ILE A 144 -2.87 11.37 -35.02
C ILE A 144 -1.83 10.40 -34.43
N SER A 145 -2.09 9.08 -34.43
CA SER A 145 -1.12 8.13 -33.88
C SER A 145 0.16 8.16 -34.72
N GLU A 146 0.05 8.31 -36.06
CA GLU A 146 1.26 8.44 -36.90
C GLU A 146 1.95 9.82 -36.70
N LYS A 147 1.18 10.89 -36.48
CA LYS A 147 1.77 12.20 -36.18
C LYS A 147 2.55 12.12 -34.85
N ILE A 148 2.01 11.43 -33.85
CA ILE A 148 2.70 11.26 -32.56
C ILE A 148 3.98 10.44 -32.76
N TYR A 149 3.90 9.38 -33.57
CA TYR A 149 5.08 8.55 -33.86
C TYR A 149 6.21 9.39 -34.52
N ARG A 150 5.90 10.20 -35.56
CA ARG A 150 6.95 10.99 -36.23
CA ARG A 150 6.93 11.00 -36.23
C ARG A 150 7.46 12.13 -35.36
N ALA A 151 6.61 12.65 -34.47
CA ALA A 151 6.99 13.77 -33.60
C ALA A 151 7.86 13.34 -32.42
N ASP A 152 8.08 12.00 -32.22
CA ASP A 152 8.80 11.53 -31.04
C ASP A 152 10.31 11.68 -31.14
N THR A 153 10.77 12.92 -31.24
CA THR A 153 12.20 13.17 -31.44
C THR A 153 13.04 12.82 -30.20
N ASN A 154 12.43 12.70 -28.98
CA ASN A 154 13.19 12.30 -27.78
C ASN A 154 13.30 10.79 -27.65
N LYS A 155 12.79 10.00 -28.62
CA LYS A 155 12.93 8.53 -28.51
C LYS A 155 14.39 8.14 -28.56
N ALA A 156 14.66 6.89 -28.09
CA ALA A 156 15.99 6.35 -28.21
C ALA A 156 16.36 6.21 -29.69
N GLN A 157 17.58 6.58 -30.03
CA GLN A 157 18.10 6.37 -31.36
C GLN A 157 18.54 4.92 -31.45
N LYS A 158 18.78 4.44 -32.65
CA LYS A 158 19.22 3.04 -32.86
C LYS A 158 20.42 2.67 -31.94
N GLU A 159 21.40 3.58 -31.85
CA GLU A 159 22.62 3.35 -31.07
C GLU A 159 22.45 3.52 -29.58
N ASP A 160 21.27 4.00 -29.08
CA ASP A 160 21.07 4.23 -27.64
C ASP A 160 20.64 2.99 -26.86
N ILE A 161 20.21 1.93 -27.53
CA ILE A 161 19.81 0.71 -26.83
C ILE A 161 20.31 -0.49 -27.61
N VAL A 162 20.84 -1.49 -26.89
CA VAL A 162 21.20 -2.77 -27.48
C VAL A 162 20.31 -3.78 -26.78
N LEU A 163 19.39 -4.39 -27.54
CA LEU A 163 18.47 -5.39 -26.99
C LEU A 163 18.99 -6.79 -27.24
N ASN A 164 18.70 -7.72 -26.34
CA ASN A 164 19.11 -9.11 -26.51
C ASN A 164 17.88 -9.94 -26.16
N SER A 165 16.97 -10.05 -27.14
CA SER A 165 15.70 -10.75 -26.94
C SER A 165 15.88 -12.24 -26.69
N GLN A 166 16.98 -12.85 -27.15
CA GLN A 166 17.29 -14.25 -26.82
C GLN A 166 16.13 -15.23 -27.19
N ASN A 167 15.69 -16.12 -26.29
CA ASN A 167 14.75 -17.17 -26.63
C ASN A 167 13.29 -16.72 -26.66
N CYS A 168 12.60 -17.08 -27.76
CA CYS A 168 11.19 -16.86 -27.99
C CYS A 168 10.51 -18.20 -27.72
N ILE A 169 9.42 -18.18 -26.98
CA ILE A 169 8.66 -19.40 -26.66
C ILE A 169 7.27 -19.32 -27.31
N SER A 170 6.56 -20.45 -27.36
CA SER A 170 5.20 -20.47 -27.88
C SER A 170 4.26 -19.78 -26.88
N PRO A 171 3.16 -19.11 -27.30
CA PRO A 171 2.22 -18.55 -26.30
C PRO A 171 1.70 -19.60 -25.30
N SER A 172 1.60 -20.87 -25.72
CA SER A 172 1.14 -21.97 -24.86
C SER A 172 2.12 -22.28 -23.70
N GLU A 173 3.35 -21.74 -23.71
CA GLU A 173 4.35 -22.03 -22.66
C GLU A 173 4.58 -20.84 -21.69
N THR A 174 3.76 -19.77 -21.74
CA THR A 174 3.98 -18.63 -20.84
C THR A 174 3.79 -18.97 -19.35
N ARG A 175 2.99 -20.01 -18.98
CA ARG A 175 2.83 -20.34 -17.56
C ARG A 175 3.91 -21.31 -17.07
N ASN A 176 4.96 -21.60 -17.86
CA ASN A 176 6.04 -22.47 -17.41
C ASN A 176 6.87 -21.85 -16.31
N GLN A 177 7.10 -20.50 -16.36
CA GLN A 177 7.95 -19.81 -15.38
C GLN A 177 9.38 -20.40 -15.42
N VAL A 178 9.90 -20.61 -16.63
CA VAL A 178 11.23 -21.16 -16.83
C VAL A 178 12.05 -20.01 -17.44
N ASP A 179 13.17 -19.66 -16.82
CA ASP A 179 14.03 -18.62 -17.36
C ASP A 179 14.83 -19.24 -18.52
N ARG A 180 14.52 -18.82 -19.74
CA ARG A 180 15.20 -19.29 -20.96
C ARG A 180 16.16 -18.23 -21.53
N CYS A 181 16.45 -17.15 -20.78
CA CYS A 181 17.29 -16.07 -21.26
C CYS A 181 18.32 -15.76 -20.18
N PRO A 182 19.53 -16.35 -20.26
CA PRO A 182 20.50 -16.15 -19.17
C PRO A 182 21.11 -14.75 -19.07
N LYS A 183 21.00 -13.93 -20.14
CA LYS A 183 21.56 -12.60 -20.19
C LYS A 183 20.46 -11.56 -19.98
N PRO A 184 20.78 -10.34 -19.52
CA PRO A 184 19.73 -9.31 -19.42
C PRO A 184 19.13 -8.99 -20.79
N LEU A 185 17.88 -8.51 -20.80
CA LEU A 185 17.26 -8.08 -22.05
C LEU A 185 17.99 -6.83 -22.58
N PHE A 186 18.32 -5.89 -21.69
CA PHE A 186 19.02 -4.67 -22.11
C PHE A 186 20.51 -4.92 -21.94
N THR A 187 21.25 -5.18 -23.05
CA THR A 187 22.72 -5.41 -22.88
C THR A 187 23.37 -4.02 -22.62
N TYR A 188 22.83 -2.95 -23.22
CA TYR A 188 23.36 -1.62 -23.03
C TYR A 188 22.23 -0.60 -23.25
N VAL A 189 22.25 0.46 -22.46
CA VAL A 189 21.38 1.62 -22.68
C VAL A 189 22.27 2.83 -22.46
N ASN A 190 22.22 3.80 -23.37
CA ASN A 190 22.96 5.03 -23.24
C ASN A 190 22.18 5.92 -22.24
N GLU A 191 22.61 5.92 -20.97
CA GLU A 191 21.87 6.62 -19.93
C GLU A 191 21.88 8.13 -20.04
N LYS A 192 22.64 8.69 -21.02
CA LYS A 192 22.50 10.13 -21.31
C LYS A 192 21.08 10.43 -21.80
N LEU A 193 20.37 9.42 -22.38
CA LEU A 193 18.99 9.61 -22.79
C LEU A 193 18.12 10.01 -21.56
N PHE A 194 18.45 9.48 -20.37
CA PHE A 194 17.71 9.73 -19.15
C PHE A 194 17.93 11.11 -18.55
N SER A 195 18.84 11.91 -19.10
CA SER A 195 19.01 13.30 -18.72
C SER A 195 18.03 14.19 -19.51
N LYS A 196 17.36 13.68 -20.59
CA LYS A 196 16.34 14.47 -21.30
C LYS A 196 15.24 14.83 -20.30
N PRO A 197 14.74 16.08 -20.28
CA PRO A 197 13.86 16.49 -19.17
C PRO A 197 12.61 15.64 -18.96
N THR A 198 12.01 15.12 -20.04
CA THR A 198 10.80 14.28 -19.86
C THR A 198 11.19 12.90 -19.27
N TYR A 199 12.38 12.38 -19.61
CA TYR A 199 12.80 11.10 -19.01
C TYR A 199 13.16 11.36 -17.57
N ALA A 200 13.93 12.43 -17.25
CA ALA A 200 14.30 12.68 -15.84
C ALA A 200 13.01 12.86 -14.97
N ALA A 201 12.04 13.63 -15.47
CA ALA A 201 10.78 13.84 -14.73
C ALA A 201 9.98 12.53 -14.56
N PHE A 202 9.94 11.71 -15.61
CA PHE A 202 9.28 10.43 -15.57
C PHE A 202 9.95 9.51 -14.54
N ILE A 203 11.30 9.40 -14.60
CA ILE A 203 12.04 8.52 -13.67
C ILE A 203 11.85 8.95 -12.21
N ASN A 204 11.77 10.26 -11.98
CA ASN A 204 11.55 10.77 -10.65
C ASN A 204 10.22 10.29 -10.05
N LEU A 205 9.22 9.93 -10.87
CA LEU A 205 7.93 9.42 -10.37
C LEU A 205 7.99 7.93 -10.01
N LEU A 206 8.95 7.16 -10.60
CA LEU A 206 8.99 5.70 -10.42
C LEU A 206 9.42 5.20 -9.02
N ASN A 207 9.84 6.07 -8.10
CA ASN A 207 10.16 5.68 -6.72
C ASN A 207 9.08 6.18 -5.71
N ASN A 208 7.92 6.67 -6.22
CA ASN A 208 6.86 7.23 -5.36
C ASN A 208 5.81 6.20 -4.87
N TYR A 209 5.91 4.93 -5.25
CA TYR A 209 4.83 3.97 -5.00
C TYR A 209 5.24 2.73 -4.20
N GLN A 210 4.24 1.98 -3.73
CA GLN A 210 4.37 0.68 -3.06
C GLN A 210 3.67 -0.28 -4.05
N ARG A 211 4.43 -1.15 -4.69
CA ARG A 211 3.87 -2.04 -5.72
C ARG A 211 2.78 -2.96 -5.22
N ALA A 212 2.89 -3.47 -3.98
CA ALA A 212 1.86 -4.39 -3.47
C ALA A 212 0.61 -3.61 -3.20
N THR A 213 -0.49 -4.03 -3.80
CA THR A 213 -1.80 -3.42 -3.49
C THR A 213 -2.11 -3.76 -2.00
N GLY A 214 -2.99 -2.99 -1.39
CA GLY A 214 -3.30 -3.14 0.02
C GLY A 214 -2.52 -2.20 0.93
N HIS A 215 -1.70 -1.29 0.35
CA HIS A 215 -0.91 -0.35 1.11
C HIS A 215 -1.22 1.02 0.54
N GLY A 216 -1.96 1.83 1.29
CA GLY A 216 -2.33 3.16 0.82
C GLY A 216 -1.14 4.04 0.46
N GLU A 217 -1.28 4.84 -0.62
CA GLU A 217 -0.23 5.76 -1.06
C GLU A 217 -0.48 7.14 -0.44
N HIS A 218 0.58 7.79 0.01
CA HIS A 218 0.50 9.12 0.59
C HIS A 218 1.64 9.91 0.03
N PHE A 219 1.36 10.84 -0.91
CA PHE A 219 2.44 11.57 -1.56
C PHE A 219 2.85 12.79 -0.78
N SER A 220 4.15 13.06 -0.76
CA SER A 220 4.64 14.26 -0.10
C SER A 220 4.38 15.46 -1.05
N ALA A 221 4.61 16.68 -0.57
CA ALA A 221 4.49 17.87 -1.40
C ALA A 221 5.50 17.80 -2.58
N GLN A 222 6.69 17.23 -2.34
CA GLN A 222 7.71 17.10 -3.39
C GLN A 222 7.27 16.06 -4.43
N GLU A 223 6.57 15.00 -4.00
CA GLU A 223 6.05 13.99 -4.93
C GLU A 223 4.89 14.54 -5.80
N LEU A 224 4.01 15.41 -5.26
CA LEU A 224 2.96 16.04 -6.08
C LEU A 224 3.63 17.06 -7.04
N ALA A 225 4.71 17.76 -6.60
CA ALA A 225 5.44 18.65 -7.49
C ALA A 225 6.08 17.83 -8.63
N GLU A 226 6.50 16.56 -8.36
CA GLU A 226 7.03 15.70 -9.44
C GLU A 226 5.96 15.41 -10.51
N GLN A 227 4.70 15.28 -10.11
CA GLN A 227 3.62 15.02 -11.08
C GLN A 227 3.43 16.26 -11.97
N ASP A 228 3.39 17.44 -11.35
CA ASP A 228 3.29 18.69 -12.11
C ASP A 228 4.49 18.88 -13.04
N ALA A 229 5.70 18.56 -12.56
CA ALA A 229 6.93 18.71 -13.37
C ALA A 229 6.85 17.79 -14.59
N PHE A 230 6.40 16.55 -14.41
CA PHE A 230 6.29 15.60 -15.55
C PHE A 230 5.33 16.17 -16.57
N LEU A 231 4.14 16.62 -16.11
CA LEU A 231 3.14 17.14 -17.03
C LEU A 231 3.63 18.39 -17.74
N ARG A 232 4.32 19.30 -17.03
CA ARG A 232 4.84 20.52 -17.65
C ARG A 232 5.90 20.18 -18.71
N GLU A 233 6.78 19.21 -18.40
CA GLU A 233 7.84 18.86 -19.35
C GLU A 233 7.26 18.19 -20.58
N ILE A 234 6.29 17.26 -20.42
CA ILE A 234 5.77 16.57 -21.64
C ILE A 234 4.99 17.58 -22.50
N MET A 235 4.33 18.61 -21.89
CA MET A 235 3.58 19.57 -22.69
C MET A 235 4.48 20.45 -23.57
N LYS A 236 5.80 20.49 -23.30
CA LYS A 236 6.72 21.26 -24.16
C LYS A 236 7.06 20.48 -25.46
N THR A 237 6.71 19.17 -25.55
CA THR A 237 7.12 18.34 -26.66
C THR A 237 6.17 18.43 -27.83
N ALA A 238 6.71 18.18 -29.06
CA ALA A 238 5.89 18.11 -30.27
C ALA A 238 4.85 17.00 -30.13
N VAL A 239 5.20 15.89 -29.45
CA VAL A 239 4.24 14.80 -29.22
C VAL A 239 2.96 15.31 -28.53
N MET A 240 3.09 16.00 -27.39
CA MET A 240 1.90 16.46 -26.66
C MET A 240 1.24 17.66 -27.32
N LYS A 241 2.01 18.49 -28.03
CA LYS A 241 1.42 19.60 -28.78
C LYS A 241 0.55 19.03 -29.92
N GLU A 242 1.00 17.95 -30.59
CA GLU A 242 0.21 17.33 -31.63
C GLU A 242 -1.09 16.77 -31.03
N LEU A 243 -1.00 16.04 -29.91
CA LEU A 243 -2.19 15.45 -29.28
C LEU A 243 -3.16 16.53 -28.80
N TYR A 244 -2.68 17.56 -28.07
CA TYR A 244 -3.58 18.63 -27.64
C TYR A 244 -4.22 19.33 -28.86
N SER A 245 -3.44 19.66 -29.91
CA SER A 245 -4.01 20.35 -31.10
C SER A 245 -5.13 19.53 -31.72
N PHE A 246 -4.89 18.20 -31.83
CA PHE A 246 -5.91 17.27 -32.34
C PHE A 246 -7.16 17.32 -31.45
N LEU A 247 -6.98 17.17 -30.11
CA LEU A 247 -8.15 17.14 -29.21
C LEU A 247 -8.88 18.47 -29.16
N HIS A 248 -8.16 19.60 -29.24
CA HIS A 248 -8.78 20.94 -29.29
C HIS A 248 -9.59 21.08 -30.60
N HIS A 249 -9.02 20.68 -31.77
CA HIS A 249 -9.72 20.72 -33.04
C HIS A 249 -10.97 19.81 -33.01
N GLN A 250 -10.92 18.69 -32.26
CA GLN A 250 -12.06 17.78 -32.09
C GLN A 250 -13.00 18.23 -30.93
N ASN A 251 -12.83 19.48 -30.42
CA ASN A 251 -13.62 20.09 -29.36
C ASN A 251 -13.75 19.21 -28.10
N ARG A 252 -12.70 18.47 -27.75
CA ARG A 252 -12.71 17.68 -26.52
C ARG A 252 -12.19 18.50 -25.34
N TYR A 253 -11.31 19.51 -25.59
CA TYR A 253 -10.77 20.40 -24.56
C TYR A 253 -10.73 21.81 -25.12
N GLY A 254 -11.10 22.79 -24.30
CA GLY A 254 -11.11 24.20 -24.67
C GLY A 254 -9.79 24.90 -24.41
N SER A 255 -8.90 24.31 -23.55
CA SER A 255 -7.62 24.91 -23.23
C SER A 255 -6.59 23.87 -22.77
N GLU A 256 -5.30 24.23 -22.86
CA GLU A 256 -4.22 23.38 -22.40
C GLU A 256 -4.31 23.17 -20.91
N GLN A 257 -4.67 24.23 -20.14
CA GLN A 257 -4.87 24.14 -18.70
C GLN A 257 -5.92 23.06 -18.36
N GLU A 258 -7.08 23.08 -19.03
CA GLU A 258 -8.13 22.09 -18.79
C GLU A 258 -7.61 20.66 -19.09
N PHE A 259 -6.93 20.51 -20.22
CA PHE A 259 -6.37 19.23 -20.64
C PHE A 259 -5.35 18.69 -19.63
N VAL A 260 -4.38 19.53 -19.18
CA VAL A 260 -3.36 19.11 -18.23
C VAL A 260 -4.04 18.73 -16.91
N ASP A 261 -5.02 19.54 -16.43
CA ASP A 261 -5.74 19.20 -15.20
C ASP A 261 -6.45 17.86 -15.31
N ASP A 262 -7.08 17.57 -16.47
CA ASP A 262 -7.79 16.30 -16.65
C ASP A 262 -6.80 15.14 -16.66
N LEU A 263 -5.67 15.30 -17.37
CA LEU A 263 -4.64 14.28 -17.41
C LEU A 263 -4.13 13.98 -15.98
N LYS A 264 -3.91 15.02 -15.17
CA LYS A 264 -3.40 14.84 -13.81
C LYS A 264 -4.38 14.00 -12.98
N ASN A 265 -5.67 14.29 -13.12
CA ASN A 265 -6.68 13.53 -12.42
C ASN A 265 -6.76 12.08 -12.89
N MET A 266 -6.96 11.86 -14.20
CA MET A 266 -7.20 10.49 -14.68
C MET A 266 -6.00 9.57 -14.47
N TRP A 267 -4.77 10.11 -14.52
CA TRP A 267 -3.58 9.28 -14.38
C TRP A 267 -3.08 9.18 -12.95
N PHE A 268 -2.90 10.32 -12.26
CA PHE A 268 -2.32 10.32 -10.93
C PHE A 268 -3.33 10.21 -9.78
N GLY A 269 -4.65 10.32 -10.05
CA GLY A 269 -5.63 10.22 -8.99
C GLY A 269 -5.65 8.84 -8.37
N LEU A 270 -5.78 8.78 -7.04
CA LEU A 270 -5.71 7.50 -6.36
C LEU A 270 -7.07 6.81 -6.25
N TYR A 271 -7.04 5.47 -6.34
CA TYR A 271 -8.23 4.65 -6.12
C TYR A 271 -7.79 3.33 -5.42
N SER A 272 -8.73 2.42 -5.10
CA SER A 272 -8.43 1.26 -4.31
C SER A 272 -8.57 -0.08 -5.03
N ARG A 273 -7.44 -0.73 -5.33
CA ARG A 273 -7.45 -2.08 -5.90
C ARG A 273 -7.48 -3.17 -4.79
N GLY A 274 -6.78 -2.95 -3.70
CA GLY A 274 -6.69 -3.93 -2.62
C GLY A 274 -7.30 -3.48 -1.30
N ASN A 275 -6.79 -4.06 -0.20
CA ASN A 275 -7.20 -3.86 1.21
C ASN A 275 -7.29 -2.43 1.76
N GLU A 276 -6.54 -1.46 1.21
CA GLU A 276 -6.54 -0.09 1.74
C GLU A 276 -6.93 0.91 0.68
N GLU A 277 -7.48 2.03 1.14
CA GLU A 277 -7.92 3.08 0.24
C GLU A 277 -6.73 3.76 -0.40
N GLY A 278 -6.91 4.19 -1.64
CA GLY A 278 -5.89 4.92 -2.37
C GLY A 278 -4.56 4.20 -2.55
N ASP A 279 -4.58 2.88 -2.78
CA ASP A 279 -3.33 2.14 -2.99
C ASP A 279 -2.90 2.08 -4.48
N SER A 280 -3.72 2.60 -5.42
CA SER A 280 -3.43 2.43 -6.84
C SER A 280 -3.83 3.64 -7.69
N SER A 281 -3.39 3.63 -8.94
CA SER A 281 -3.72 4.69 -9.91
C SER A 281 -3.41 4.17 -11.30
N GLY A 282 -3.93 4.85 -12.33
CA GLY A 282 -3.61 4.49 -13.71
C GLY A 282 -2.10 4.60 -13.98
N PHE A 283 -1.46 5.68 -13.52
CA PHE A 283 -0.02 5.85 -13.73
C PHE A 283 0.77 4.72 -13.03
N GLU A 284 0.49 4.45 -11.73
CA GLU A 284 1.20 3.37 -11.03
C GLU A 284 1.02 2.04 -11.76
N HIS A 285 -0.22 1.70 -12.13
CA HIS A 285 -0.47 0.40 -12.77
C HIS A 285 0.31 0.22 -14.07
N VAL A 286 0.24 1.23 -14.94
CA VAL A 286 0.82 1.12 -16.28
C VAL A 286 2.33 1.28 -16.28
N PHE A 287 2.82 2.35 -15.61
CA PHE A 287 4.25 2.70 -15.67
C PHE A 287 5.11 2.12 -14.53
N SER A 288 4.56 1.97 -13.30
CA SER A 288 5.37 1.46 -12.20
C SER A 288 5.25 -0.04 -12.06
N GLY A 289 4.03 -0.58 -12.22
CA GLY A 289 3.78 -2.01 -12.06
C GLY A 289 3.31 -2.29 -10.65
N GLU A 290 2.46 -3.31 -10.49
CA GLU A 290 1.94 -3.66 -9.16
C GLU A 290 2.02 -5.17 -8.92
N VAL A 291 1.79 -5.59 -7.66
CA VAL A 291 1.74 -7.01 -7.30
C VAL A 291 0.39 -7.20 -6.58
N LYS A 292 -0.46 -8.08 -7.12
CA LYS A 292 -1.77 -8.33 -6.52
C LYS A 292 -2.01 -9.83 -6.54
N LYS A 293 -2.41 -10.41 -5.41
CA LYS A 293 -2.65 -11.85 -5.31
C LYS A 293 -1.48 -12.71 -5.84
N GLY A 294 -0.27 -12.36 -5.42
CA GLY A 294 0.93 -13.12 -5.76
C GLY A 294 1.35 -13.13 -7.20
N LYS A 295 0.88 -12.16 -8.02
CA LYS A 295 1.28 -12.06 -9.44
C LYS A 295 1.54 -10.60 -9.77
N VAL A 296 2.34 -10.37 -10.81
CA VAL A 296 2.60 -9.00 -11.25
C VAL A 296 1.38 -8.58 -12.06
N THR A 297 0.88 -7.36 -11.83
CA THR A 297 -0.20 -6.78 -12.66
C THR A 297 0.28 -5.43 -13.18
N GLY A 298 -0.17 -5.05 -14.37
CA GLY A 298 0.34 -3.85 -15.02
C GLY A 298 1.80 -4.07 -15.41
N PHE A 299 2.64 -3.05 -15.27
CA PHE A 299 4.06 -3.12 -15.63
C PHE A 299 4.20 -3.21 -17.17
N HIS A 300 4.09 -2.05 -17.83
CA HIS A 300 4.14 -2.00 -19.28
C HIS A 300 5.19 -1.06 -19.85
N ASN A 301 6.14 -0.59 -19.02
CA ASN A 301 7.12 0.40 -19.48
C ASN A 301 8.59 -0.13 -19.49
N TRP A 302 9.31 0.18 -20.57
CA TRP A 302 10.67 -0.29 -20.77
C TRP A 302 11.71 0.39 -19.88
N ILE A 303 11.50 1.66 -19.52
CA ILE A 303 12.47 2.37 -18.66
C ILE A 303 12.40 1.75 -17.27
N ARG A 304 11.17 1.55 -16.76
CA ARG A 304 10.99 0.86 -15.48
C ARG A 304 11.58 -0.54 -15.54
N PHE A 305 11.40 -1.28 -16.67
CA PHE A 305 11.98 -2.63 -16.79
C PHE A 305 13.53 -2.53 -16.71
N TYR A 306 14.13 -1.64 -17.49
CA TYR A 306 15.57 -1.50 -17.56
C TYR A 306 16.15 -1.18 -16.19
N LEU A 307 15.57 -0.18 -15.51
CA LEU A 307 16.09 0.25 -14.21
C LEU A 307 15.99 -0.84 -13.16
N GLU A 308 14.86 -1.57 -13.12
CA GLU A 308 14.75 -2.70 -12.19
C GLU A 308 15.73 -3.80 -12.57
N GLU A 309 15.88 -4.10 -13.87
CA GLU A 309 16.79 -5.18 -14.31
C GLU A 309 18.23 -4.82 -13.90
N LYS A 310 18.61 -3.57 -14.08
CA LYS A 310 19.93 -3.07 -13.68
C LYS A 310 20.18 -3.31 -12.17
N GLU A 311 19.12 -3.16 -11.33
CA GLU A 311 19.17 -3.41 -9.89
C GLU A 311 19.05 -4.92 -9.50
N GLY A 312 18.87 -5.79 -10.48
CA GLY A 312 18.67 -7.22 -10.23
C GLY A 312 17.29 -7.56 -9.73
N LEU A 313 16.34 -6.61 -9.84
CA LEU A 313 14.97 -6.78 -9.36
C LEU A 313 14.03 -7.28 -10.43
N VAL A 314 14.42 -7.29 -11.70
CA VAL A 314 13.64 -7.90 -12.77
C VAL A 314 14.58 -8.93 -13.40
N ASP A 315 14.07 -10.14 -13.69
CA ASP A 315 14.83 -11.17 -14.35
C ASP A 315 14.02 -11.53 -15.58
N TYR A 316 14.56 -11.24 -16.77
CA TYR A 316 13.92 -11.48 -18.06
C TYR A 316 13.93 -12.99 -18.30
N TYR A 317 12.77 -13.60 -18.61
CA TYR A 317 12.72 -15.04 -18.83
C TYR A 317 12.62 -15.44 -20.30
N SER A 318 11.88 -14.67 -21.09
CA SER A 318 11.64 -14.99 -22.52
C SER A 318 10.69 -13.93 -23.14
N HIS A 319 10.40 -14.06 -24.43
CA HIS A 319 9.36 -13.27 -25.10
C HIS A 319 8.53 -14.22 -25.98
N ILE A 320 7.32 -13.82 -26.33
CA ILE A 320 6.49 -14.59 -27.28
C ILE A 320 6.28 -13.84 -28.62
N TYR A 321 6.56 -12.54 -28.64
CA TYR A 321 6.29 -11.68 -29.77
C TYR A 321 7.31 -10.55 -29.82
N ASP A 322 7.73 -10.24 -31.04
CA ASP A 322 8.63 -9.15 -31.33
C ASP A 322 7.99 -8.47 -32.55
N GLY A 323 7.55 -7.23 -32.35
CA GLY A 323 6.81 -6.46 -33.33
C GLY A 323 7.52 -6.25 -34.65
N PRO A 324 6.76 -5.91 -35.72
CA PRO A 324 7.38 -5.78 -37.05
C PRO A 324 8.36 -4.63 -37.19
N TRP A 325 8.33 -3.64 -36.28
CA TRP A 325 9.28 -2.52 -36.33
C TRP A 325 10.71 -3.05 -36.20
N ASP A 326 11.64 -2.57 -37.04
CA ASP A 326 13.07 -2.91 -36.98
C ASP A 326 13.85 -1.65 -36.51
N SER A 327 13.25 -0.89 -35.61
CA SER A 327 13.79 0.37 -35.11
C SER A 327 13.01 0.73 -33.83
N TYR A 328 13.47 1.71 -33.08
CA TYR A 328 12.72 2.15 -31.90
C TYR A 328 11.71 3.21 -32.35
N PRO A 329 10.47 3.16 -31.84
CA PRO A 329 9.94 2.21 -30.85
C PRO A 329 9.63 0.83 -31.43
N ASP A 330 9.97 -0.22 -30.70
CA ASP A 330 9.61 -1.58 -31.08
C ASP A 330 8.62 -2.11 -30.02
N VAL A 331 8.11 -3.35 -30.17
CA VAL A 331 7.19 -3.90 -29.16
C VAL A 331 7.67 -5.30 -28.85
N LEU A 332 7.80 -5.63 -27.58
CA LEU A 332 8.15 -7.02 -27.15
C LEU A 332 7.09 -7.48 -26.17
N ALA A 333 6.65 -8.75 -26.24
CA ALA A 333 5.67 -9.33 -25.28
C ALA A 333 6.49 -10.26 -24.38
N MET A 334 6.77 -9.85 -23.16
CA MET A 334 7.76 -10.53 -22.31
C MET A 334 7.26 -11.28 -21.12
N GLN A 335 8.03 -12.31 -20.73
CA GLN A 335 7.83 -13.08 -19.50
C GLN A 335 8.97 -12.66 -18.57
N PHE A 336 8.68 -12.33 -17.29
CA PHE A 336 9.75 -11.95 -16.38
C PHE A 336 9.35 -12.11 -14.92
N ASN A 337 10.36 -12.22 -14.03
CA ASN A 337 10.14 -12.29 -12.59
C ASN A 337 10.52 -10.93 -12.04
N TRP A 338 9.64 -10.30 -11.26
CA TRP A 338 9.91 -9.02 -10.65
C TRP A 338 9.96 -9.22 -9.16
N ASP A 339 11.17 -9.34 -8.63
CA ASP A 339 11.46 -9.46 -7.20
C ASP A 339 10.53 -10.44 -6.48
N GLY A 340 10.42 -11.66 -7.03
CA GLY A 340 9.66 -12.74 -6.42
C GLY A 340 8.27 -13.01 -6.99
N TYR A 341 7.78 -12.16 -7.93
CA TYR A 341 6.46 -12.30 -8.52
C TYR A 341 6.57 -12.37 -10.04
N TYR A 342 5.75 -13.21 -10.67
CA TYR A 342 5.85 -13.45 -12.10
C TYR A 342 4.87 -12.62 -12.94
N LYS A 343 5.36 -12.13 -14.10
CA LYS A 343 4.57 -11.43 -15.11
C LYS A 343 4.51 -12.35 -16.30
N GLU A 344 3.31 -12.84 -16.64
CA GLU A 344 3.16 -13.82 -17.70
C GLU A 344 3.32 -13.26 -19.12
N VAL A 345 2.60 -12.18 -19.46
CA VAL A 345 2.71 -11.54 -20.78
C VAL A 345 2.64 -10.04 -20.53
N GLY A 346 3.80 -9.39 -20.56
CA GLY A 346 3.92 -7.96 -20.37
C GLY A 346 4.36 -7.34 -21.67
N SER A 347 3.43 -6.76 -22.43
CA SER A 347 3.76 -6.11 -23.71
C SER A 347 4.16 -4.66 -23.43
N ALA A 348 5.26 -4.23 -24.03
CA ALA A 348 5.80 -2.92 -23.78
C ALA A 348 6.36 -2.36 -25.05
N PHE A 349 6.26 -1.04 -25.18
CA PHE A 349 7.01 -0.35 -26.23
C PHE A 349 8.48 -0.38 -25.76
N ILE A 350 9.42 -0.48 -26.69
CA ILE A 350 10.83 -0.43 -26.38
C ILE A 350 11.45 0.78 -27.07
N GLY A 351 12.07 1.67 -26.31
CA GLY A 351 12.81 2.79 -26.88
C GLY A 351 12.02 4.06 -27.11
N SER A 352 10.72 4.03 -26.83
CA SER A 352 9.89 5.23 -26.92
C SER A 352 10.18 6.20 -25.76
N SER A 353 9.96 7.48 -25.98
CA SER A 353 10.03 8.45 -24.89
C SER A 353 8.79 8.21 -23.97
N PRO A 354 8.82 8.73 -22.74
CA PRO A 354 7.62 8.62 -21.88
C PRO A 354 6.45 9.43 -22.45
N GLU A 355 6.71 10.60 -23.07
CA GLU A 355 5.62 11.40 -23.64
C GLU A 355 4.91 10.68 -24.78
N PHE A 356 5.66 9.90 -25.60
CA PHE A 356 5.03 9.09 -26.66
C PHE A 356 4.02 8.12 -26.06
N GLU A 357 4.42 7.39 -25.01
CA GLU A 357 3.53 6.39 -24.42
C GLU A 357 2.38 7.04 -23.73
N PHE A 358 2.64 8.11 -22.97
CA PHE A 358 1.61 8.82 -22.23
C PHE A 358 0.56 9.40 -23.19
N ALA A 359 1.02 9.97 -24.32
CA ALA A 359 0.13 10.52 -25.36
C ALA A 359 -0.74 9.42 -26.00
N LEU A 360 -0.13 8.29 -26.41
CA LEU A 360 -0.92 7.25 -27.08
C LEU A 360 -1.93 6.64 -26.14
N TYR A 361 -1.50 6.33 -24.88
CA TYR A 361 -2.44 5.74 -23.92
C TYR A 361 -3.56 6.72 -23.58
N SER A 362 -3.24 8.02 -23.48
CA SER A 362 -4.27 9.03 -23.18
C SER A 362 -5.20 9.18 -24.37
N LEU A 363 -4.66 9.14 -25.61
CA LEU A 363 -5.47 9.23 -26.82
C LEU A 363 -6.50 8.10 -26.83
N CYS A 364 -6.06 6.85 -26.56
CA CYS A 364 -6.97 5.72 -26.56
C CYS A 364 -8.03 5.87 -25.48
N PHE A 365 -7.63 6.32 -24.29
CA PHE A 365 -8.59 6.47 -23.19
C PHE A 365 -9.60 7.60 -23.41
N ILE A 366 -9.16 8.71 -23.99
CA ILE A 366 -10.04 9.85 -24.23
C ILE A 366 -10.97 9.59 -25.43
N ALA A 367 -10.44 9.04 -26.53
CA ALA A 367 -11.22 8.80 -27.73
C ALA A 367 -12.08 7.54 -27.68
N ARG A 368 -11.57 6.45 -27.06
CA ARG A 368 -12.25 5.17 -27.03
C ARG A 368 -12.14 4.51 -25.62
N PRO A 369 -12.61 5.18 -24.54
CA PRO A 369 -12.49 4.55 -23.21
C PRO A 369 -13.14 3.18 -23.13
N GLY A 370 -12.45 2.20 -22.56
CA GLY A 370 -13.00 0.86 -22.39
C GLY A 370 -12.89 -0.07 -23.58
N LYS A 371 -12.42 0.44 -24.71
CA LYS A 371 -12.37 -0.33 -25.95
C LYS A 371 -10.95 -0.62 -26.44
N VAL A 372 -10.85 -1.46 -27.47
CA VAL A 372 -9.58 -1.72 -28.12
C VAL A 372 -9.50 -0.69 -29.23
N CYS A 373 -8.48 0.16 -29.18
CA CYS A 373 -8.25 1.25 -30.11
C CYS A 373 -7.17 0.79 -31.10
N GLN A 374 -7.46 0.89 -32.41
CA GLN A 374 -6.51 0.46 -33.44
C GLN A 374 -5.61 1.62 -33.86
N LEU A 375 -4.36 1.57 -33.43
CA LEU A 375 -3.40 2.61 -33.77
C LEU A 375 -2.64 2.18 -35.03
N SER A 376 -1.96 3.18 -35.64
CA SER A 376 -1.07 2.96 -36.78
C SER A 376 0.24 3.61 -36.37
N LEU A 377 1.34 2.86 -36.35
CA LEU A 377 2.65 3.35 -35.93
C LEU A 377 3.72 2.89 -36.90
N GLY A 378 4.33 3.86 -37.60
CA GLY A 378 5.32 3.53 -38.62
C GLY A 378 4.74 2.66 -39.72
N GLY A 379 3.42 2.77 -39.95
CA GLY A 379 2.71 2.00 -40.97
C GLY A 379 2.24 0.62 -40.52
N TYR A 380 2.54 0.21 -39.28
CA TYR A 380 2.10 -1.08 -38.80
C TYR A 380 0.97 -0.88 -37.76
N PRO A 381 -0.01 -1.80 -37.77
CA PRO A 381 -1.10 -1.67 -36.80
C PRO A 381 -0.68 -2.08 -35.41
N LEU A 382 -1.29 -1.46 -34.41
CA LEU A 382 -1.05 -1.85 -33.04
C LEU A 382 -2.26 -1.55 -32.25
N ALA A 383 -2.77 -2.52 -31.52
CA ALA A 383 -4.01 -2.35 -30.80
C ALA A 383 -3.73 -2.11 -29.33
N VAL A 384 -4.45 -1.17 -28.75
CA VAL A 384 -4.29 -0.82 -27.34
C VAL A 384 -5.64 -0.94 -26.65
N ARG A 385 -5.69 -1.59 -25.48
CA ARG A 385 -6.90 -1.64 -24.67
C ARG A 385 -6.79 -0.60 -23.55
N THR A 386 -7.89 0.09 -23.25
CA THR A 386 -8.00 0.89 -22.03
C THR A 386 -9.27 0.44 -21.33
N TYR A 387 -9.31 0.56 -19.99
CA TYR A 387 -10.47 0.31 -19.16
C TYR A 387 -10.61 1.46 -18.17
N THR A 388 -11.84 1.88 -17.91
CA THR A 388 -12.09 2.89 -16.88
C THR A 388 -12.09 2.19 -15.53
N TRP A 389 -11.72 2.92 -14.48
CA TRP A 389 -11.84 2.39 -13.12
C TRP A 389 -13.35 2.55 -12.79
N ASP A 390 -13.96 1.49 -12.26
N ASP A 390 -13.98 1.49 -12.26
CA ASP A 390 -15.42 1.44 -12.01
CA ASP A 390 -15.44 1.53 -12.02
C ASP A 390 -15.89 1.53 -10.54
C ASP A 390 -15.89 1.48 -10.54
N LYS A 391 -14.99 1.70 -9.57
CA LYS A 391 -15.36 1.74 -8.14
C LYS A 391 -15.33 3.16 -7.54
N SER A 392 -14.79 4.16 -8.27
CA SER A 392 -14.79 5.54 -7.78
C SER A 392 -14.73 6.51 -8.99
N THR A 393 -14.94 7.82 -8.76
CA THR A 393 -14.88 8.86 -9.80
C THR A 393 -14.17 10.11 -9.28
N TYR A 394 -13.81 11.04 -10.18
CA TYR A 394 -13.31 12.35 -9.77
C TYR A 394 -14.16 13.41 -10.46
N GLY A 395 -14.20 14.61 -9.90
CA GLY A 395 -14.96 15.70 -10.46
C GLY A 395 -16.43 15.34 -10.70
N ASN A 396 -16.97 15.70 -11.86
CA ASN A 396 -18.37 15.41 -12.16
C ASN A 396 -18.50 14.01 -12.78
N GLY A 397 -18.34 12.97 -11.97
CA GLY A 397 -18.48 11.59 -12.41
C GLY A 397 -17.51 11.17 -13.50
N LYS A 398 -16.32 11.80 -13.55
CA LYS A 398 -15.31 11.46 -14.55
C LYS A 398 -14.55 10.22 -14.10
N LYS A 399 -13.95 9.49 -15.04
CA LYS A 399 -13.30 8.24 -14.74
C LYS A 399 -11.77 8.27 -14.71
N TYR A 400 -11.19 7.58 -13.70
CA TYR A 400 -9.77 7.33 -13.63
C TYR A 400 -9.44 6.20 -14.63
N ILE A 401 -8.17 6.13 -15.02
CA ILE A 401 -7.71 5.07 -15.88
C ILE A 401 -7.45 3.87 -15.01
N ALA A 402 -8.10 2.73 -15.31
CA ALA A 402 -7.81 1.49 -14.60
C ALA A 402 -6.52 0.90 -15.24
N THR A 403 -6.48 0.85 -16.59
CA THR A 403 -5.32 0.32 -17.30
C THR A 403 -5.32 0.79 -18.74
N ALA A 404 -4.14 0.76 -19.34
CA ALA A 404 -3.89 1.02 -20.75
C ALA A 404 -2.79 0.05 -21.14
N TYR A 405 -3.00 -0.81 -22.18
CA TYR A 405 -1.95 -1.74 -22.54
C TYR A 405 -2.04 -2.18 -23.99
N ILE A 406 -0.91 -2.61 -24.52
CA ILE A 406 -0.81 -3.15 -25.88
C ILE A 406 -1.41 -4.54 -25.83
N VAL A 407 -2.36 -4.85 -26.73
CA VAL A 407 -2.98 -6.19 -26.70
C VAL A 407 -2.09 -7.21 -27.40
N SER A 408 -2.12 -8.49 -26.93
CA SER A 408 -1.34 -9.60 -27.50
C SER A 408 -1.33 -9.62 -29.03
N HIS B 131 1.83 -30.37 13.83
CA HIS B 131 2.28 -29.14 13.15
C HIS B 131 3.45 -28.42 13.84
N SER B 132 4.26 -29.21 14.56
CA SER B 132 5.39 -28.78 15.36
C SER B 132 6.31 -27.74 14.71
N SER B 133 6.70 -27.95 13.45
CA SER B 133 7.66 -27.12 12.73
C SER B 133 7.43 -25.59 12.79
N ASP B 134 8.57 -24.87 12.74
CA ASP B 134 8.75 -23.41 12.83
C ASP B 134 7.74 -22.59 12.04
N ALA B 135 7.42 -22.99 10.81
CA ALA B 135 6.46 -22.23 10.00
C ALA B 135 5.07 -22.25 10.63
N ILE B 136 4.43 -21.08 10.72
CA ILE B 136 3.10 -20.99 11.30
C ILE B 136 2.13 -20.69 10.15
N THR B 137 1.21 -21.62 9.89
CA THR B 137 0.26 -21.53 8.78
C THR B 137 -1.04 -20.80 9.15
N LYS B 138 -1.91 -20.51 8.14
CA LYS B 138 -3.22 -19.92 8.36
C LYS B 138 -4.05 -20.85 9.28
N GLU B 139 -4.00 -22.17 9.06
CA GLU B 139 -4.77 -23.13 9.87
C GLU B 139 -4.35 -23.09 11.36
N GLU B 140 -3.04 -23.06 11.59
CA GLU B 140 -2.50 -23.00 12.96
C GLU B 140 -2.83 -21.69 13.63
N ILE B 141 -2.72 -20.57 12.88
CA ILE B 141 -3.00 -19.23 13.42
C ILE B 141 -4.49 -19.15 13.82
N GLN B 142 -5.36 -19.72 12.98
CA GLN B 142 -6.82 -19.69 13.25
C GLN B 142 -7.20 -20.56 14.44
N SER B 143 -6.49 -21.67 14.63
CA SER B 143 -6.77 -22.53 15.78
C SER B 143 -6.40 -21.79 17.09
N ILE B 144 -5.19 -21.20 17.15
CA ILE B 144 -4.77 -20.49 18.37
C ILE B 144 -5.55 -19.16 18.54
N SER B 145 -5.90 -18.45 17.44
CA SER B 145 -6.63 -17.19 17.59
C SER B 145 -8.03 -17.49 18.22
N GLU B 146 -8.68 -18.63 17.83
CA GLU B 146 -9.97 -18.97 18.44
C GLU B 146 -9.79 -19.41 19.89
N LYS B 147 -8.68 -20.12 20.21
CA LYS B 147 -8.40 -20.50 21.60
C LYS B 147 -8.23 -19.23 22.45
N ILE B 148 -7.50 -18.22 21.93
CA ILE B 148 -7.30 -16.94 22.64
C ILE B 148 -8.65 -16.23 22.82
N TYR B 149 -9.51 -16.24 21.79
CA TYR B 149 -10.86 -15.65 21.85
C TYR B 149 -11.67 -16.29 22.98
N ARG B 150 -11.66 -17.63 23.07
CA ARG B 150 -12.40 -18.33 24.14
C ARG B 150 -11.77 -18.13 25.52
N ALA B 151 -10.43 -17.96 25.58
CA ALA B 151 -9.72 -17.78 26.85
C ALA B 151 -9.82 -16.35 27.41
N ASP B 152 -10.36 -15.37 26.64
CA ASP B 152 -10.37 -13.99 27.11
C ASP B 152 -11.48 -13.69 28.12
N THR B 153 -11.39 -14.30 29.30
CA THR B 153 -12.41 -14.11 30.33
C THR B 153 -12.35 -12.71 30.94
N ASN B 154 -11.28 -11.90 30.71
CA ASN B 154 -11.25 -10.53 31.24
C ASN B 154 -11.84 -9.51 30.26
N LYS B 155 -12.41 -9.95 29.14
CA LYS B 155 -13.04 -9.02 28.19
C LYS B 155 -14.25 -8.35 28.82
N ALA B 156 -14.66 -7.23 28.21
CA ALA B 156 -15.88 -6.56 28.63
C ALA B 156 -17.09 -7.44 28.29
N GLN B 157 -18.06 -7.50 29.21
CA GLN B 157 -19.32 -8.16 28.93
C GLN B 157 -20.16 -7.17 28.11
N LYS B 158 -21.24 -7.65 27.47
CA LYS B 158 -22.07 -6.77 26.62
C LYS B 158 -22.56 -5.52 27.39
N GLU B 159 -22.94 -5.70 28.67
CA GLU B 159 -23.45 -4.57 29.49
C GLU B 159 -22.37 -3.60 30.00
N ASP B 160 -21.08 -3.91 29.77
CA ASP B 160 -19.99 -3.08 30.27
C ASP B 160 -19.66 -1.90 29.36
N ILE B 161 -20.07 -1.94 28.08
CA ILE B 161 -19.74 -0.85 27.15
C ILE B 161 -20.94 -0.59 26.29
N VAL B 162 -21.25 0.69 26.09
CA VAL B 162 -22.27 1.09 25.14
C VAL B 162 -21.62 2.05 24.17
N LEU B 163 -21.62 1.65 22.88
CA LEU B 163 -21.07 2.45 21.80
C LEU B 163 -22.18 3.24 21.15
N ASN B 164 -21.83 4.42 20.63
CA ASN B 164 -22.73 5.29 19.90
C ASN B 164 -21.99 5.59 18.60
N SER B 165 -21.98 4.61 17.69
CA SER B 165 -21.20 4.69 16.46
C SER B 165 -21.61 5.83 15.52
N GLN B 166 -22.87 6.31 15.63
CA GLN B 166 -23.38 7.48 14.89
C GLN B 166 -23.12 7.37 13.38
N ASN B 167 -22.55 8.38 12.69
CA ASN B 167 -22.45 8.34 11.24
C ASN B 167 -21.29 7.52 10.70
N CYS B 168 -21.61 6.73 9.66
CA CYS B 168 -20.71 5.87 8.93
C CYS B 168 -20.46 6.56 7.61
N ILE B 169 -19.19 6.70 7.19
CA ILE B 169 -18.86 7.33 5.90
C ILE B 169 -18.20 6.32 4.96
N SER B 170 -18.08 6.65 3.68
CA SER B 170 -17.40 5.78 2.71
C SER B 170 -15.88 5.80 2.97
N PRO B 171 -15.15 4.68 2.79
CA PRO B 171 -13.69 4.73 2.92
C PRO B 171 -13.02 5.77 2.00
N SER B 172 -13.64 6.08 0.86
CA SER B 172 -13.12 7.11 -0.06
C SER B 172 -13.16 8.53 0.51
N GLU B 173 -13.90 8.76 1.61
CA GLU B 173 -14.12 10.10 2.16
C GLU B 173 -13.28 10.43 3.40
N THR B 174 -12.44 9.51 3.88
CA THR B 174 -11.69 9.70 5.12
C THR B 174 -10.61 10.78 5.07
N ARG B 175 -10.10 11.19 3.89
CA ARG B 175 -9.07 12.25 3.86
C ARG B 175 -9.62 13.59 4.35
N ASN B 176 -10.93 13.83 4.21
CA ASN B 176 -11.52 15.08 4.67
C ASN B 176 -11.80 15.01 6.17
N GLN B 177 -11.34 16.02 6.91
CA GLN B 177 -11.56 16.07 8.37
C GLN B 177 -12.89 16.73 8.61
N VAL B 178 -13.94 15.93 8.86
CA VAL B 178 -15.29 16.45 9.10
C VAL B 178 -15.84 15.73 10.32
N ASP B 179 -16.15 16.49 11.36
CA ASP B 179 -16.74 15.89 12.55
C ASP B 179 -18.23 15.67 12.26
N ARG B 180 -18.61 14.44 12.03
CA ARG B 180 -20.00 14.08 11.73
C ARG B 180 -20.72 13.43 12.94
N CYS B 181 -20.05 13.32 14.09
CA CYS B 181 -20.58 12.65 15.26
C CYS B 181 -20.58 13.61 16.46
N PRO B 182 -21.71 14.30 16.75
CA PRO B 182 -21.69 15.29 17.85
C PRO B 182 -21.55 14.72 19.24
N LYS B 183 -21.81 13.42 19.43
CA LYS B 183 -21.73 12.82 20.75
C LYS B 183 -20.50 11.92 20.86
N PRO B 184 -20.02 11.60 22.08
CA PRO B 184 -18.87 10.70 22.18
C PRO B 184 -19.17 9.32 21.61
N LEU B 185 -18.13 8.61 21.17
CA LEU B 185 -18.29 7.22 20.72
C LEU B 185 -18.69 6.35 21.91
N PHE B 186 -18.06 6.57 23.08
CA PHE B 186 -18.36 5.75 24.25
C PHE B 186 -19.40 6.46 25.11
N THR B 187 -20.64 6.00 25.00
CA THR B 187 -21.74 6.48 25.84
C THR B 187 -21.47 6.08 27.29
N TYR B 188 -20.99 4.82 27.49
CA TYR B 188 -20.74 4.31 28.81
C TYR B 188 -19.70 3.22 28.76
N VAL B 189 -18.77 3.26 29.71
CA VAL B 189 -17.84 2.17 29.98
C VAL B 189 -17.92 1.91 31.46
N ASN B 190 -18.14 0.63 31.85
CA ASN B 190 -18.10 0.22 33.24
C ASN B 190 -16.62 0.31 33.68
N GLU B 191 -16.25 1.41 34.35
CA GLU B 191 -14.85 1.64 34.74
C GLU B 191 -14.35 0.68 35.83
N LYS B 192 -15.24 -0.14 36.40
CA LYS B 192 -14.79 -1.21 37.30
C LYS B 192 -13.94 -2.22 36.50
N LEU B 193 -14.12 -2.33 35.17
CA LEU B 193 -13.23 -3.18 34.35
C LEU B 193 -11.77 -2.79 34.53
N PHE B 194 -11.52 -1.48 34.71
CA PHE B 194 -10.18 -0.93 34.84
C PHE B 194 -9.53 -1.25 36.22
N SER B 195 -10.30 -1.78 37.19
CA SER B 195 -9.72 -2.27 38.45
C SER B 195 -9.10 -3.68 38.27
N LYS B 196 -9.36 -4.36 37.14
CA LYS B 196 -8.77 -5.67 36.90
C LYS B 196 -7.26 -5.52 36.69
N PRO B 197 -6.43 -6.45 37.19
CA PRO B 197 -4.97 -6.21 37.17
C PRO B 197 -4.33 -5.99 35.80
N THR B 198 -4.76 -6.74 34.78
CA THR B 198 -4.14 -6.52 33.44
C THR B 198 -4.56 -5.17 32.88
N TYR B 199 -5.81 -4.71 33.19
CA TYR B 199 -6.25 -3.41 32.68
C TYR B 199 -5.48 -2.30 33.41
N ALA B 200 -5.35 -2.42 34.73
CA ALA B 200 -4.64 -1.43 35.53
C ALA B 200 -3.19 -1.32 35.11
N ALA B 201 -2.51 -2.47 34.92
CA ALA B 201 -1.12 -2.47 34.52
C ALA B 201 -0.94 -1.86 33.10
N PHE B 202 -1.87 -2.16 32.20
CA PHE B 202 -1.84 -1.63 30.84
C PHE B 202 -2.06 -0.10 30.92
N ILE B 203 -3.05 0.36 31.66
CA ILE B 203 -3.33 1.78 31.78
C ILE B 203 -2.13 2.53 32.37
N ASN B 204 -1.42 1.94 33.35
CA ASN B 204 -0.23 2.60 33.93
C ASN B 204 0.87 2.85 32.92
N LEU B 205 0.90 2.11 31.80
CA LEU B 205 1.91 2.37 30.77
C LEU B 205 1.53 3.51 29.85
N LEU B 206 0.24 3.86 29.74
CA LEU B 206 -0.20 4.83 28.75
C LEU B 206 0.23 6.26 29.00
N ASN B 207 0.72 6.58 30.21
CA ASN B 207 1.22 7.93 30.53
C ASN B 207 2.76 8.03 30.45
N ASN B 208 3.46 7.00 29.92
CA ASN B 208 4.93 6.95 29.92
C ASN B 208 5.62 7.58 28.71
N TYR B 209 4.88 8.00 27.69
CA TYR B 209 5.44 8.41 26.40
C TYR B 209 5.25 9.86 25.99
N GLN B 210 6.05 10.31 24.99
CA GLN B 210 5.91 11.59 24.35
C GLN B 210 5.45 11.22 22.96
N ARG B 211 4.22 11.58 22.62
CA ARG B 211 3.64 11.16 21.34
C ARG B 211 4.40 11.71 20.15
N ALA B 212 4.93 12.95 20.26
CA ALA B 212 5.65 13.55 19.13
C ALA B 212 6.99 12.85 18.91
N THR B 213 7.24 12.40 17.67
CA THR B 213 8.50 11.72 17.37
C THR B 213 9.67 12.70 17.52
N GLY B 214 10.88 12.17 17.60
CA GLY B 214 12.09 12.95 17.75
C GLY B 214 12.56 13.05 19.19
N HIS B 215 11.65 13.01 20.18
CA HIS B 215 12.04 13.13 21.57
C HIS B 215 12.47 11.76 22.11
N GLY B 216 13.72 11.66 22.57
CA GLY B 216 14.22 10.41 23.12
C GLY B 216 13.48 10.00 24.38
N GLU B 217 13.06 8.73 24.47
CA GLU B 217 12.36 8.25 25.65
C GLU B 217 13.40 7.75 26.65
N HIS B 218 13.27 8.17 27.90
CA HIS B 218 14.19 7.77 28.95
C HIS B 218 13.31 7.31 30.10
N PHE B 219 13.07 6.00 30.17
CA PHE B 219 12.20 5.46 31.19
C PHE B 219 12.90 5.48 32.54
N SER B 220 12.17 5.91 33.55
CA SER B 220 12.67 5.88 34.92
C SER B 220 12.62 4.41 35.39
N ALA B 221 13.21 4.10 36.56
CA ALA B 221 13.10 2.76 37.15
C ALA B 221 11.60 2.39 37.34
N GLN B 222 10.75 3.37 37.71
CA GLN B 222 9.31 3.14 37.89
C GLN B 222 8.59 2.80 36.55
N GLU B 223 8.96 3.46 35.45
CA GLU B 223 8.34 3.18 34.14
C GLU B 223 8.82 1.82 33.60
N LEU B 224 10.09 1.43 33.90
CA LEU B 224 10.58 0.11 33.55
C LEU B 224 9.86 -0.96 34.39
N ALA B 225 9.63 -0.67 35.69
CA ALA B 225 8.90 -1.56 36.57
C ALA B 225 7.46 -1.72 36.06
N GLU B 226 6.85 -0.67 35.48
CA GLU B 226 5.52 -0.79 34.90
C GLU B 226 5.49 -1.76 33.70
N GLN B 227 6.56 -1.77 32.88
CA GLN B 227 6.65 -2.71 31.76
C GLN B 227 6.72 -4.13 32.31
N ASP B 228 7.58 -4.35 33.34
CA ASP B 228 7.67 -5.68 33.93
C ASP B 228 6.33 -6.11 34.56
N ALA B 229 5.64 -5.19 35.27
CA ALA B 229 4.37 -5.51 35.92
C ALA B 229 3.29 -5.88 34.91
N PHE B 230 3.22 -5.16 33.77
CA PHE B 230 2.25 -5.52 32.72
C PHE B 230 2.53 -6.94 32.18
N LEU B 231 3.80 -7.26 31.90
CA LEU B 231 4.15 -8.58 31.39
C LEU B 231 3.84 -9.64 32.45
N ARG B 232 4.14 -9.37 33.72
CA ARG B 232 3.84 -10.29 34.80
C ARG B 232 2.33 -10.54 34.91
N GLU B 233 1.53 -9.47 34.88
CA GLU B 233 0.09 -9.61 35.04
C GLU B 233 -0.49 -10.36 33.86
N ILE B 234 -0.05 -10.06 32.62
CA ILE B 234 -0.65 -10.75 31.46
C ILE B 234 -0.24 -12.22 31.42
N MET B 235 0.97 -12.55 31.89
CA MET B 235 1.39 -13.97 31.85
C MET B 235 0.57 -14.85 32.79
N LYS B 236 -0.12 -14.28 33.78
CA LYS B 236 -0.98 -15.04 34.69
C LYS B 236 -2.31 -15.46 34.02
N THR B 237 -2.68 -14.85 32.88
CA THR B 237 -3.94 -15.11 32.21
C THR B 237 -3.91 -16.34 31.29
N ALA B 238 -5.07 -16.98 31.13
CA ALA B 238 -5.22 -18.11 30.19
C ALA B 238 -4.87 -17.71 28.76
N VAL B 239 -5.14 -16.44 28.37
CA VAL B 239 -4.81 -15.95 27.02
C VAL B 239 -3.30 -16.14 26.75
N MET B 240 -2.43 -15.59 27.63
CA MET B 240 -1.00 -15.67 27.40
C MET B 240 -0.43 -17.05 27.61
N LYS B 241 -1.02 -17.84 28.54
CA LYS B 241 -0.59 -19.22 28.74
C LYS B 241 -0.84 -20.04 27.47
N GLU B 242 -2.00 -19.83 26.84
CA GLU B 242 -2.34 -20.50 25.58
C GLU B 242 -1.36 -20.07 24.48
N LEU B 243 -1.08 -18.76 24.36
CA LEU B 243 -0.15 -18.27 23.36
C LEU B 243 1.25 -18.86 23.56
N TYR B 244 1.75 -18.84 24.81
CA TYR B 244 3.09 -19.40 25.07
C TYR B 244 3.12 -20.90 24.72
N SER B 245 2.14 -21.69 25.18
CA SER B 245 2.10 -23.12 24.87
C SER B 245 2.09 -23.37 23.34
N PHE B 246 1.33 -22.54 22.58
CA PHE B 246 1.30 -22.65 21.12
C PHE B 246 2.68 -22.34 20.52
N LEU B 247 3.29 -21.23 20.91
CA LEU B 247 4.61 -20.83 20.36
C LEU B 247 5.75 -21.75 20.76
N HIS B 248 5.65 -22.38 21.93
CA HIS B 248 6.62 -23.38 22.36
C HIS B 248 6.52 -24.60 21.42
N HIS B 249 5.29 -25.06 21.13
CA HIS B 249 5.06 -26.20 20.21
C HIS B 249 5.42 -25.84 18.75
N GLN B 250 5.40 -24.55 18.38
CA GLN B 250 5.83 -24.12 17.04
C GLN B 250 7.38 -23.86 17.02
N ASN B 251 8.14 -24.41 18.02
CA ASN B 251 9.60 -24.25 18.12
C ASN B 251 10.08 -22.80 18.02
N ARG B 252 9.32 -21.84 18.56
CA ARG B 252 9.75 -20.45 18.54
C ARG B 252 10.45 -20.05 19.83
N TYR B 253 10.06 -20.67 20.98
CA TYR B 253 10.63 -20.38 22.30
C TYR B 253 10.80 -21.67 23.09
N GLY B 254 11.92 -21.78 23.80
CA GLY B 254 12.25 -22.91 24.66
C GLY B 254 11.83 -22.74 26.11
N SER B 255 11.51 -21.50 26.55
CA SER B 255 11.08 -21.26 27.94
C SER B 255 10.18 -20.02 28.02
N GLU B 256 9.36 -19.95 29.07
CA GLU B 256 8.50 -18.80 29.30
C GLU B 256 9.32 -17.53 29.48
N GLN B 257 10.48 -17.62 30.20
CA GLN B 257 11.31 -16.45 30.42
C GLN B 257 11.87 -15.93 29.11
N GLU B 258 12.32 -16.83 28.22
CA GLU B 258 12.82 -16.46 26.89
C GLU B 258 11.71 -15.73 26.10
N PHE B 259 10.49 -16.26 26.14
CA PHE B 259 9.33 -15.63 25.49
C PHE B 259 9.05 -14.23 26.08
N VAL B 260 9.00 -14.11 27.40
CA VAL B 260 8.70 -12.82 28.05
C VAL B 260 9.81 -11.79 27.74
N ASP B 261 11.08 -12.20 27.80
CA ASP B 261 12.19 -11.29 27.50
C ASP B 261 12.11 -10.88 26.01
N ASP B 262 11.74 -11.82 25.11
CA ASP B 262 11.61 -11.47 23.70
C ASP B 262 10.44 -10.52 23.48
N LEU B 263 9.29 -10.74 24.14
CA LEU B 263 8.16 -9.81 24.05
C LEU B 263 8.60 -8.40 24.51
N LYS B 264 9.37 -8.32 25.60
CA LYS B 264 9.83 -7.05 26.13
C LYS B 264 10.72 -6.32 25.12
N ASN B 265 11.61 -7.07 24.44
CA ASN B 265 12.46 -6.47 23.42
C ASN B 265 11.63 -5.98 22.22
N MET B 266 10.82 -6.85 21.60
CA MET B 266 10.12 -6.45 20.36
C MET B 266 9.11 -5.33 20.56
N TRP B 267 8.42 -5.28 21.73
CA TRP B 267 7.38 -4.29 22.02
C TRP B 267 7.92 -3.03 22.69
N PHE B 268 8.74 -3.19 23.74
CA PHE B 268 9.20 -2.05 24.51
C PHE B 268 10.57 -1.50 24.09
N GLY B 269 11.32 -2.25 23.27
CA GLY B 269 12.62 -1.81 22.81
C GLY B 269 12.52 -0.56 21.97
N LEU B 270 13.39 0.39 22.23
CA LEU B 270 13.37 1.68 21.57
C LEU B 270 14.10 1.72 20.22
N TYR B 271 13.58 2.52 19.31
CA TYR B 271 14.17 2.79 17.99
C TYR B 271 13.82 4.25 17.57
N SER B 272 14.32 4.72 16.42
CA SER B 272 14.16 6.10 16.01
C SER B 272 13.31 6.36 14.76
N ARG B 273 12.06 6.81 14.94
CA ARG B 273 11.21 7.23 13.84
C ARG B 273 11.62 8.65 13.39
N GLY B 274 11.93 9.52 14.35
CA GLY B 274 12.35 10.90 14.07
C GLY B 274 13.84 11.13 14.02
N ASN B 275 14.29 12.29 14.59
CA ASN B 275 15.68 12.79 14.58
C ASN B 275 16.64 12.26 15.66
N GLU B 276 16.14 11.80 16.81
CA GLU B 276 17.00 11.32 17.90
C GLU B 276 16.77 9.88 18.24
N GLU B 277 17.81 9.25 18.81
CA GLU B 277 17.74 7.83 19.14
C GLU B 277 16.64 7.54 20.15
N GLY B 278 16.05 6.37 20.03
CA GLY B 278 15.05 5.84 20.93
C GLY B 278 13.84 6.69 21.26
N ASP B 279 13.16 7.23 20.23
CA ASP B 279 11.92 8.02 20.43
C ASP B 279 10.62 7.21 20.28
N SER B 280 10.74 5.98 19.80
CA SER B 280 9.58 5.18 19.47
C SER B 280 9.79 3.72 19.82
N SER B 281 8.68 3.00 19.83
CA SER B 281 8.66 1.55 20.06
C SER B 281 7.35 0.99 19.51
N GLY B 282 7.29 -0.31 19.30
CA GLY B 282 6.06 -0.97 18.87
C GLY B 282 4.90 -0.75 19.84
N PHE B 283 5.17 -0.85 21.17
CA PHE B 283 4.11 -0.65 22.16
C PHE B 283 3.59 0.80 22.08
N GLU B 284 4.50 1.82 22.02
CA GLU B 284 4.05 3.22 21.96
C GLU B 284 3.20 3.43 20.68
N HIS B 285 3.69 2.96 19.53
CA HIS B 285 2.99 3.17 18.28
C HIS B 285 1.59 2.55 18.29
N VAL B 286 1.49 1.27 18.69
CA VAL B 286 0.18 0.60 18.61
C VAL B 286 -0.78 1.02 19.71
N PHE B 287 -0.30 1.09 20.96
CA PHE B 287 -1.21 1.30 22.10
C PHE B 287 -1.30 2.73 22.58
N SER B 288 -0.21 3.51 22.47
CA SER B 288 -0.27 4.89 22.94
C SER B 288 -0.67 5.86 21.83
N GLY B 289 -0.15 5.64 20.63
CA GLY B 289 -0.38 6.53 19.51
C GLY B 289 0.77 7.51 19.43
N GLU B 290 1.07 7.96 18.22
CA GLU B 290 2.14 8.91 17.99
C GLU B 290 1.67 10.02 17.07
N VAL B 291 2.47 11.07 16.97
CA VAL B 291 2.24 12.17 16.06
C VAL B 291 3.56 12.34 15.29
N LYS B 292 3.50 12.19 13.99
CA LYS B 292 4.67 12.29 13.13
C LYS B 292 4.25 13.06 11.89
N LYS B 293 5.01 14.10 11.51
CA LYS B 293 4.71 14.91 10.32
C LYS B 293 3.25 15.42 10.26
N GLY B 294 2.79 16.03 11.35
CA GLY B 294 1.48 16.64 11.43
C GLY B 294 0.26 15.73 11.39
N LYS B 295 0.44 14.41 11.58
CA LYS B 295 -0.66 13.44 11.57
C LYS B 295 -0.56 12.46 12.74
N VAL B 296 -1.68 11.81 13.10
CA VAL B 296 -1.64 10.77 14.12
C VAL B 296 -1.15 9.52 13.37
N THR B 297 -0.19 8.83 13.95
CA THR B 297 0.30 7.56 13.41
C THR B 297 0.06 6.53 14.50
N GLY B 298 -0.23 5.30 14.10
CA GLY B 298 -0.59 4.26 15.07
C GLY B 298 -1.90 4.61 15.76
N PHE B 299 -2.01 4.38 17.07
CA PHE B 299 -3.26 4.63 17.87
C PHE B 299 -4.35 3.60 17.47
N HIS B 300 -4.27 2.39 18.04
CA HIS B 300 -5.18 1.31 17.65
C HIS B 300 -5.85 0.64 18.84
N ASN B 301 -5.95 1.32 20.00
CA ASN B 301 -6.51 0.68 21.19
C ASN B 301 -7.73 1.43 21.77
N TRP B 302 -8.77 0.68 22.14
CA TRP B 302 -10.01 1.26 22.63
C TRP B 302 -9.89 1.87 24.02
N ILE B 303 -9.06 1.31 24.89
CA ILE B 303 -8.93 1.86 26.25
C ILE B 303 -8.24 3.24 26.13
N ARG B 304 -7.16 3.32 25.34
CA ARG B 304 -6.48 4.59 25.09
C ARG B 304 -7.47 5.60 24.45
N PHE B 305 -8.29 5.13 23.47
CA PHE B 305 -9.29 6.00 22.84
C PHE B 305 -10.29 6.48 23.90
N TYR B 306 -10.89 5.57 24.67
CA TYR B 306 -11.88 5.93 25.68
C TYR B 306 -11.30 6.90 26.71
N LEU B 307 -10.13 6.58 27.27
CA LEU B 307 -9.55 7.44 28.31
C LEU B 307 -9.22 8.83 27.78
N GLU B 308 -8.76 8.92 26.52
CA GLU B 308 -8.49 10.23 25.92
C GLU B 308 -9.80 10.96 25.63
N GLU B 309 -10.82 10.25 25.10
CA GLU B 309 -12.11 10.87 24.79
C GLU B 309 -12.76 11.41 26.07
N LYS B 310 -12.74 10.65 27.17
CA LYS B 310 -13.36 11.11 28.43
C LYS B 310 -12.63 12.31 29.04
N GLU B 311 -11.35 12.53 28.66
CA GLU B 311 -10.59 13.72 29.07
C GLU B 311 -10.63 14.83 27.98
N GLY B 312 -11.51 14.71 26.97
CA GLY B 312 -11.64 15.71 25.91
C GLY B 312 -10.47 15.79 24.94
N LEU B 313 -9.54 14.85 25.04
CA LEU B 313 -8.34 14.83 24.19
C LEU B 313 -8.54 14.08 22.89
N VAL B 314 -9.61 13.27 22.76
CA VAL B 314 -9.95 12.61 21.51
C VAL B 314 -11.38 13.09 21.20
N ASP B 315 -11.60 13.49 19.94
CA ASP B 315 -12.91 13.90 19.43
C ASP B 315 -13.24 12.95 18.26
N TYR B 316 -14.27 12.11 18.49
CA TYR B 316 -14.75 11.13 17.49
C TYR B 316 -15.45 11.86 16.33
N TYR B 317 -15.01 11.58 15.08
CA TYR B 317 -15.53 12.21 13.88
C TYR B 317 -16.51 11.34 13.10
N SER B 318 -16.22 10.04 12.99
CA SER B 318 -17.04 9.11 12.21
C SER B 318 -16.40 7.71 12.20
N HIS B 319 -17.04 6.74 11.52
CA HIS B 319 -16.44 5.41 11.37
C HIS B 319 -16.72 4.96 9.96
N ILE B 320 -15.95 4.00 9.45
CA ILE B 320 -16.15 3.43 8.11
C ILE B 320 -16.50 1.94 8.13
N TYR B 321 -16.33 1.28 9.28
CA TYR B 321 -16.55 -0.15 9.41
C TYR B 321 -16.90 -0.51 10.85
N ASP B 322 -17.89 -1.40 11.00
CA ASP B 322 -18.32 -1.94 12.29
C ASP B 322 -18.40 -3.45 12.01
N GLY B 323 -17.57 -4.22 12.70
CA GLY B 323 -17.47 -5.66 12.50
C GLY B 323 -18.73 -6.45 12.72
N PRO B 324 -18.78 -7.71 12.23
CA PRO B 324 -20.02 -8.49 12.36
C PRO B 324 -20.39 -8.90 13.79
N TRP B 325 -19.44 -8.88 14.71
CA TRP B 325 -19.70 -9.22 16.10
C TRP B 325 -20.71 -8.24 16.69
N ASP B 326 -21.65 -8.76 17.47
CA ASP B 326 -22.66 -7.95 18.18
C ASP B 326 -22.39 -7.94 19.71
N SER B 327 -21.27 -8.50 20.16
CA SER B 327 -20.84 -8.43 21.54
C SER B 327 -19.33 -8.14 21.52
N TYR B 328 -18.64 -8.22 22.67
CA TYR B 328 -17.22 -7.92 22.69
C TYR B 328 -16.41 -9.20 22.71
N PRO B 329 -15.26 -9.22 22.01
CA PRO B 329 -14.67 -8.11 21.23
C PRO B 329 -15.36 -7.83 19.91
N ASP B 330 -15.47 -6.54 19.57
CA ASP B 330 -15.99 -6.06 18.29
C ASP B 330 -14.83 -5.30 17.62
N VAL B 331 -15.04 -4.75 16.41
CA VAL B 331 -14.03 -3.97 15.70
C VAL B 331 -14.73 -2.77 15.12
N LEU B 332 -14.11 -1.60 15.25
CA LEU B 332 -14.57 -0.37 14.57
C LEU B 332 -13.34 0.26 13.90
N ALA B 333 -13.53 0.97 12.75
CA ALA B 333 -12.44 1.67 12.07
C ALA B 333 -12.90 3.11 12.05
N MET B 334 -12.24 3.96 12.85
CA MET B 334 -12.68 5.30 13.18
C MET B 334 -11.86 6.45 12.64
N GLN B 335 -12.53 7.61 12.46
CA GLN B 335 -11.90 8.88 12.09
C GLN B 335 -11.99 9.71 13.37
N PHE B 336 -10.89 10.35 13.79
CA PHE B 336 -10.92 11.14 15.04
C PHE B 336 -9.78 12.14 15.13
N ASN B 337 -9.90 13.12 16.01
CA ASN B 337 -8.87 14.11 16.22
C ASN B 337 -8.32 13.86 17.62
N TRP B 338 -6.99 13.67 17.72
CA TRP B 338 -6.30 13.47 18.98
C TRP B 338 -5.54 14.73 19.36
N ASP B 339 -6.13 15.56 20.21
CA ASP B 339 -5.51 16.78 20.74
C ASP B 339 -4.79 17.60 19.65
N GLY B 340 -5.51 17.91 18.57
CA GLY B 340 -5.01 18.73 17.48
C GLY B 340 -4.49 18.04 16.23
N TYR B 341 -4.40 16.70 16.20
CA TYR B 341 -3.91 15.96 15.02
C TYR B 341 -4.96 14.94 14.60
N TYR B 342 -4.99 14.60 13.32
CA TYR B 342 -6.02 13.74 12.77
C TYR B 342 -5.58 12.30 12.55
N LYS B 343 -6.46 11.34 12.94
CA LYS B 343 -6.25 9.93 12.65
C LYS B 343 -7.31 9.59 11.61
N GLU B 344 -6.86 9.28 10.41
CA GLU B 344 -7.74 9.02 9.28
C GLU B 344 -8.49 7.67 9.36
N VAL B 345 -7.79 6.56 9.61
CA VAL B 345 -8.44 5.24 9.72
C VAL B 345 -7.79 4.54 10.88
N GLY B 346 -8.40 4.64 12.05
CA GLY B 346 -7.94 4.02 13.26
C GLY B 346 -8.75 2.77 13.56
N SER B 347 -8.27 1.61 13.13
CA SER B 347 -8.95 0.34 13.43
C SER B 347 -8.57 -0.14 14.82
N ALA B 348 -9.56 -0.63 15.55
CA ALA B 348 -9.32 -1.10 16.90
C ALA B 348 -10.27 -2.19 17.26
N PHE B 349 -9.81 -3.13 18.13
CA PHE B 349 -10.73 -4.03 18.77
C PHE B 349 -11.49 -3.17 19.82
N ILE B 350 -12.72 -3.50 20.10
CA ILE B 350 -13.53 -2.82 21.13
C ILE B 350 -13.88 -3.84 22.19
N GLY B 351 -13.66 -3.51 23.45
CA GLY B 351 -14.04 -4.39 24.56
C GLY B 351 -13.17 -5.59 24.86
N SER B 352 -12.09 -5.74 24.13
CA SER B 352 -11.11 -6.80 24.41
C SER B 352 -10.25 -6.42 25.60
N SER B 353 -9.75 -7.44 26.32
CA SER B 353 -8.79 -7.16 27.39
C SER B 353 -7.44 -6.74 26.72
N PRO B 354 -6.52 -6.10 27.46
CA PRO B 354 -5.20 -5.77 26.89
C PRO B 354 -4.42 -7.03 26.51
N GLU B 355 -4.46 -8.09 27.33
CA GLU B 355 -3.73 -9.33 27.03
C GLU B 355 -4.26 -9.98 25.73
N PHE B 356 -5.57 -9.89 25.43
CA PHE B 356 -6.11 -10.45 24.16
C PHE B 356 -5.44 -9.77 22.95
N GLU B 357 -5.35 -8.46 23.00
CA GLU B 357 -4.78 -7.70 21.91
C GLU B 357 -3.30 -7.92 21.84
N PHE B 358 -2.60 -7.83 22.97
CA PHE B 358 -1.15 -8.05 23.01
C PHE B 358 -0.81 -9.48 22.48
N ALA B 359 -1.62 -10.47 22.86
CA ALA B 359 -1.40 -11.84 22.40
C ALA B 359 -1.61 -11.98 20.89
N LEU B 360 -2.70 -11.40 20.34
CA LEU B 360 -2.96 -11.55 18.91
C LEU B 360 -1.95 -10.79 18.06
N TYR B 361 -1.64 -9.54 18.45
CA TYR B 361 -0.67 -8.76 17.68
C TYR B 361 0.72 -9.42 17.73
N SER B 362 1.10 -9.96 18.91
CA SER B 362 2.38 -10.66 19.03
C SER B 362 2.37 -11.92 18.16
N LEU B 363 1.27 -12.67 18.19
CA LEU B 363 1.11 -13.87 17.36
C LEU B 363 1.32 -13.55 15.86
N CYS B 364 0.67 -12.50 15.34
CA CYS B 364 0.80 -12.15 13.94
C CYS B 364 2.22 -11.75 13.59
N PHE B 365 2.82 -10.90 14.41
CA PHE B 365 4.19 -10.46 14.18
C PHE B 365 5.19 -11.59 14.21
N ILE B 366 5.07 -12.52 15.19
CA ILE B 366 6.00 -13.65 15.34
C ILE B 366 5.80 -14.64 14.19
N ALA B 367 4.54 -14.91 13.83
CA ALA B 367 4.25 -15.88 12.78
C ALA B 367 4.57 -15.39 11.37
N ARG B 368 4.11 -14.18 11.02
CA ARG B 368 4.20 -13.67 9.67
C ARG B 368 4.53 -12.20 9.71
N PRO B 369 5.77 -11.85 10.16
CA PRO B 369 6.13 -10.42 10.21
C PRO B 369 6.04 -9.75 8.84
N GLY B 370 5.45 -8.56 8.80
CA GLY B 370 5.35 -7.79 7.57
C GLY B 370 4.23 -8.19 6.63
N LYS B 371 3.48 -9.26 6.97
CA LYS B 371 2.39 -9.76 6.14
C LYS B 371 1.02 -9.59 6.80
N VAL B 372 -0.04 -9.96 6.06
CA VAL B 372 -1.40 -9.94 6.58
C VAL B 372 -1.68 -11.35 7.11
N CYS B 373 -2.13 -11.44 8.37
CA CYS B 373 -2.54 -12.70 8.97
C CYS B 373 -4.03 -12.74 8.95
N GLN B 374 -4.58 -13.86 8.51
CA GLN B 374 -6.02 -14.03 8.52
C GLN B 374 -6.39 -14.78 9.81
N LEU B 375 -6.84 -14.05 10.81
CA LEU B 375 -7.27 -14.66 12.07
C LEU B 375 -8.73 -15.10 11.98
N SER B 376 -9.15 -15.93 12.96
CA SER B 376 -10.54 -16.36 13.10
C SER B 376 -10.92 -16.01 14.55
N LEU B 377 -11.96 -15.22 14.73
CA LEU B 377 -12.39 -14.77 16.08
C LEU B 377 -13.90 -14.90 16.16
N GLY B 378 -14.40 -15.77 17.03
CA GLY B 378 -15.83 -16.00 17.12
C GLY B 378 -16.42 -16.48 15.80
N GLY B 379 -15.60 -17.20 15.00
CA GLY B 379 -16.05 -17.73 13.73
C GLY B 379 -16.05 -16.77 12.55
N TYR B 380 -15.61 -15.51 12.77
CA TYR B 380 -15.55 -14.50 11.73
C TYR B 380 -14.09 -14.23 11.36
N PRO B 381 -13.80 -13.95 10.09
CA PRO B 381 -12.41 -13.63 9.73
C PRO B 381 -12.03 -12.24 10.18
N LEU B 382 -10.75 -12.05 10.53
CA LEU B 382 -10.26 -10.73 10.88
C LEU B 382 -8.79 -10.69 10.48
N ALA B 383 -8.43 -9.73 9.64
CA ALA B 383 -7.07 -9.62 9.11
C ALA B 383 -6.27 -8.63 9.91
N VAL B 384 -5.01 -8.96 10.17
CA VAL B 384 -4.11 -8.06 10.91
C VAL B 384 -2.83 -7.96 10.11
N ARG B 385 -2.38 -6.72 9.87
CA ARG B 385 -1.11 -6.44 9.21
C ARG B 385 -0.09 -6.12 10.29
N THR B 386 1.15 -6.59 10.13
CA THR B 386 2.27 -6.14 10.97
C THR B 386 3.39 -5.66 10.05
N TYR B 387 4.20 -4.73 10.55
CA TYR B 387 5.41 -4.24 9.85
C TYR B 387 6.59 -4.40 10.82
N THR B 388 7.76 -4.81 10.28
CA THR B 388 8.98 -4.89 11.07
C THR B 388 9.63 -3.52 11.03
N TRP B 389 10.36 -3.15 12.09
CA TRP B 389 11.14 -1.91 12.05
C TRP B 389 12.39 -2.23 11.25
N ASP B 390 12.69 -1.45 10.18
CA ASP B 390 13.77 -1.81 9.26
C ASP B 390 15.06 -0.95 9.34
N LYS B 391 15.23 -0.09 10.36
CA LYS B 391 16.45 0.74 10.49
C LYS B 391 17.40 0.23 11.60
N SER B 392 16.96 -0.70 12.46
CA SER B 392 17.80 -1.28 13.50
C SER B 392 17.33 -2.72 13.80
N THR B 393 18.13 -3.46 14.56
CA THR B 393 17.78 -4.82 15.03
C THR B 393 18.22 -4.96 16.50
N TYR B 394 17.75 -6.03 17.18
CA TYR B 394 18.25 -6.41 18.50
C TYR B 394 18.67 -7.86 18.42
N GLY B 395 19.53 -8.30 19.34
CA GLY B 395 19.98 -9.69 19.35
C GLY B 395 20.56 -10.15 18.03
N ASN B 396 20.19 -11.36 17.60
CA ASN B 396 20.69 -11.92 16.34
C ASN B 396 19.76 -11.49 15.18
N GLY B 397 19.95 -10.26 14.71
CA GLY B 397 19.15 -9.70 13.62
C GLY B 397 17.65 -9.74 13.87
N LYS B 398 17.25 -9.71 15.14
CA LYS B 398 15.81 -9.78 15.50
C LYS B 398 15.17 -8.42 15.29
N LYS B 399 13.89 -8.41 14.91
CA LYS B 399 13.20 -7.19 14.54
C LYS B 399 12.28 -6.66 15.63
N TYR B 400 12.30 -5.33 15.80
CA TYR B 400 11.33 -4.64 16.65
C TYR B 400 10.03 -4.49 15.86
N ILE B 401 8.92 -4.36 16.58
CA ILE B 401 7.63 -4.16 15.96
C ILE B 401 7.52 -2.70 15.54
N ALA B 402 7.30 -2.43 14.24
CA ALA B 402 7.03 -1.07 13.77
C ALA B 402 5.55 -0.83 14.06
N THR B 403 4.65 -1.74 13.62
CA THR B 403 3.22 -1.62 13.94
C THR B 403 2.53 -2.99 13.80
N ALA B 404 1.32 -3.07 14.34
CA ALA B 404 0.42 -4.20 14.21
C ALA B 404 -0.96 -3.55 14.21
N TYR B 405 -1.80 -3.86 13.21
CA TYR B 405 -3.14 -3.25 13.18
C TYR B 405 -4.10 -4.05 12.33
N ILE B 406 -5.38 -3.85 12.60
CA ILE B 406 -6.45 -4.54 11.91
C ILE B 406 -6.64 -3.89 10.54
N VAL B 407 -6.79 -4.72 9.50
CA VAL B 407 -7.03 -4.25 8.13
C VAL B 407 -8.29 -4.94 7.58
N SER B 408 -8.78 -4.47 6.43
CA SER B 408 -9.94 -5.10 5.78
C SER B 408 -9.73 -6.56 5.39
N SER B 409 -10.86 -7.32 5.39
CA SER B 409 -11.04 -8.75 5.03
C SER B 409 -10.37 -9.71 6.00
#